data_3NBL
#
_entry.id   3NBL
#
_cell.length_a   49.383
_cell.length_b   68.102
_cell.length_c   75.652
_cell.angle_alpha   90.000
_cell.angle_beta   90.000
_cell.angle_gamma   90.000
#
_symmetry.space_group_name_H-M   'P 21 21 21'
#
loop_
_entity.id
_entity.type
_entity.pdbx_description
1 polymer Beta-lactamase
2 non-polymer '(2R)-5-[(carbamoyloxy)methyl]-2-[(1R)-1-{[(2Z)-2-(furan-2-yl)-2-(methoxyimino)acetyl]amino}-2-oxoethyl]-3,6-dihydro-2H-1,3-thiazine-4-carboxylic acid'
3 water water
#
_entity_poly.entity_id   1
_entity_poly.type   'polypeptide(L)'
_entity_poly.pdbx_seq_one_letter_code
;DLADRFAELERRYDARLGVYVPATGTTAAIEYRADERFAFCSTFKAPLVAAVLHQNPLTHLDKLITYTSDDIRSISPVAQ
QHVQTGMTIGQLCDAAIRYSDGTAANLLLADLGGPGGGTAAFTGYLRSLGDTVSRLDAEAPELNRDPPGDERDTTTPHAI
ALVLQQLVLGNALPPDKRALLTDWMARNTTGAKRIRAGFPADWKVIDKTGTGDYGRANDIAVVWSPTGVPYVVAVMSDRA
GGGYDAEPREALLAEAATCVAGVLA
;
_entity_poly.pdbx_strand_id   A
#
# COMPACT_ATOMS: atom_id res chain seq x y z
N ASP A 1 21.35 8.27 -15.65
CA ASP A 1 20.73 9.11 -14.60
C ASP A 1 19.24 8.84 -14.46
N LEU A 2 18.84 8.39 -13.26
CA LEU A 2 17.47 7.98 -12.97
C LEU A 2 16.46 9.12 -13.04
N ALA A 3 16.85 10.30 -12.56
CA ALA A 3 15.96 11.46 -12.52
C ALA A 3 15.47 11.89 -13.91
N ASP A 4 16.35 11.80 -14.91
CA ASP A 4 15.97 12.07 -16.30
C ASP A 4 14.99 11.02 -16.84
N ARG A 5 15.24 9.75 -16.50
CA ARG A 5 14.36 8.66 -16.90
C ARG A 5 12.97 8.81 -16.27
N PHE A 6 12.93 9.12 -14.98
CA PHE A 6 11.68 9.31 -14.26
C PHE A 6 10.89 10.49 -14.86
N ALA A 7 11.60 11.58 -15.15
CA ALA A 7 11.00 12.78 -15.75
C ALA A 7 10.43 12.49 -17.15
N GLU A 8 11.12 11.64 -17.88
CA GLU A 8 10.70 11.18 -19.19
C GLU A 8 9.36 10.43 -19.10
N LEU A 9 9.24 9.56 -18.08
CA LEU A 9 8.00 8.81 -17.84
C LEU A 9 6.84 9.74 -17.46
N GLU A 10 7.15 10.77 -16.68
CA GLU A 10 6.13 11.77 -16.34
C GLU A 10 5.54 12.45 -17.58
N ARG A 11 6.39 12.76 -18.55
CA ARG A 11 5.94 13.39 -19.79
C ARG A 11 5.16 12.40 -20.66
N ARG A 12 5.62 11.15 -20.70
CA ARG A 12 4.96 10.09 -21.47
C ARG A 12 3.53 9.85 -21.03
N TYR A 13 3.31 9.81 -19.70
CA TYR A 13 2.03 9.42 -19.14
C TYR A 13 1.23 10.64 -18.64
N ASP A 14 1.71 11.84 -18.96
CA ASP A 14 1.16 13.09 -18.40
C ASP A 14 0.86 12.88 -16.91
N ALA A 15 1.91 12.57 -16.16
CA ALA A 15 1.77 12.15 -14.77
C ALA A 15 2.73 12.88 -13.83
N ARG A 16 2.45 12.76 -12.54
CA ARG A 16 3.42 13.10 -11.51
C ARG A 16 3.83 11.77 -10.89
N LEU A 17 5.13 11.52 -10.80
CA LEU A 17 5.64 10.24 -10.30
C LEU A 17 6.47 10.43 -9.05
N GLY A 18 6.23 9.62 -8.02
CA GLY A 18 7.03 9.62 -6.81
C GLY A 18 7.64 8.25 -6.56
N VAL A 19 8.94 8.22 -6.24
CA VAL A 19 9.68 6.98 -6.04
C VAL A 19 10.57 7.09 -4.80
N TYR A 20 10.51 6.09 -3.93
CA TYR A 20 11.53 5.95 -2.89
C TYR A 20 11.96 4.51 -2.66
N VAL A 21 13.29 4.31 -2.64
CA VAL A 21 13.92 3.07 -2.21
C VAL A 21 14.92 3.45 -1.11
N PRO A 22 14.72 2.96 0.13
CA PRO A 22 15.65 3.26 1.22
C PRO A 22 17.06 2.72 0.92
N ALA A 23 18.07 3.44 1.40
CA ALA A 23 19.46 3.01 1.28
C ALA A 23 19.67 1.65 1.90
N THR A 24 20.67 0.92 1.41
CA THR A 24 21.09 -0.36 2.02
C THR A 24 22.57 -0.32 2.39
N GLY A 25 23.17 -1.51 2.50
CA GLY A 25 24.60 -1.62 2.72
C GLY A 25 25.39 -0.95 1.61
N THR A 26 25.04 -1.27 0.36
CA THR A 26 25.83 -0.88 -0.79
C THR A 26 25.11 -0.01 -1.83
N THR A 27 23.82 0.26 -1.62
CA THR A 27 23.08 1.18 -2.50
C THR A 27 22.63 2.40 -1.72
N ALA A 28 22.75 3.57 -2.34
CA ALA A 28 22.21 4.80 -1.77
C ALA A 28 20.70 4.79 -1.99
N ALA A 29 19.98 5.59 -1.20
CA ALA A 29 18.54 5.73 -1.38
C ALA A 29 18.23 6.24 -2.80
N ILE A 30 17.22 5.66 -3.43
CA ILE A 30 16.71 6.19 -4.69
C ILE A 30 15.53 7.09 -4.35
N GLU A 31 15.54 8.31 -4.87
CA GLU A 31 14.46 9.23 -4.55
C GLU A 31 14.08 10.17 -5.68
N TYR A 32 12.79 10.22 -5.97
CA TYR A 32 12.25 11.13 -6.97
C TYR A 32 10.89 11.63 -6.45
N ARG A 33 10.80 12.93 -6.22
CA ARG A 33 9.60 13.50 -5.55
C ARG A 33 9.21 12.70 -4.28
N ALA A 34 10.20 12.12 -3.62
CA ALA A 34 9.95 11.16 -2.51
C ALA A 34 9.32 11.79 -1.28
N ASP A 35 9.46 13.10 -1.13
CA ASP A 35 8.89 13.82 0.01
C ASP A 35 7.65 14.64 -0.37
N GLU A 36 7.15 14.46 -1.60
CA GLU A 36 5.88 15.06 -1.99
C GLU A 36 4.74 14.15 -1.56
N ARG A 37 3.58 14.75 -1.28
CA ARG A 37 2.39 14.00 -0.89
C ARG A 37 1.67 13.40 -2.10
N PHE A 38 1.24 12.15 -1.93
CA PHE A 38 0.38 11.43 -2.89
C PHE A 38 -0.72 10.76 -2.07
N ALA A 39 -1.91 10.66 -2.63
CA ALA A 39 -3.00 9.93 -1.97
C ALA A 39 -2.55 8.51 -1.63
N PHE A 40 -2.89 8.03 -0.42
CA PHE A 40 -2.69 6.63 -0.02
C PHE A 40 -3.34 5.69 -1.02
N CYS A 41 -4.58 6.03 -1.40
CA CYS A 41 -5.53 5.06 -1.97
C CYS A 41 -5.49 3.82 -1.08
N SER A 42 -5.58 2.64 -1.65
CA SER A 42 -5.67 1.42 -0.91
C SER A 42 -4.33 0.96 -0.20
N THR A 43 -3.22 1.66 -0.44
CA THR A 43 -1.94 1.19 0.13
C THR A 43 -1.95 1.20 1.66
N PHE A 44 -2.81 2.02 2.27
CA PHE A 44 -2.91 2.05 3.74
C PHE A 44 -3.32 0.71 4.34
N LYS A 45 -3.94 -0.16 3.55
CA LYS A 45 -4.46 -1.46 4.04
C LYS A 45 -3.39 -2.41 4.56
N ALA A 46 -2.16 -2.29 4.04
CA ALA A 46 -1.05 -3.06 4.59
C ALA A 46 -0.73 -2.65 6.05
N PRO A 47 -0.43 -1.35 6.29
CA PRO A 47 -0.20 -0.98 7.71
C PRO A 47 -1.44 -1.14 8.59
N LEU A 48 -2.62 -1.00 8.00
CA LEU A 48 -3.88 -1.22 8.72
C LEU A 48 -3.95 -2.63 9.29
N VAL A 49 -3.65 -3.62 8.46
CA VAL A 49 -3.63 -5.01 8.91
C VAL A 49 -2.55 -5.20 9.99
N ALA A 50 -1.40 -4.57 9.81
CA ALA A 50 -0.36 -4.60 10.82
C ALA A 50 -0.88 -4.07 12.15
N ALA A 51 -1.67 -2.99 12.10
CA ALA A 51 -2.23 -2.38 13.32
C ALA A 51 -3.17 -3.35 14.02
N VAL A 52 -4.06 -3.98 13.25
CA VAL A 52 -5.01 -4.94 13.79
C VAL A 52 -4.30 -6.16 14.40
N LEU A 53 -3.32 -6.70 13.68
CA LEU A 53 -2.49 -7.80 14.19
C LEU A 53 -1.80 -7.40 15.49
N HIS A 54 -1.19 -6.22 15.52
CA HIS A 54 -0.45 -5.77 16.70
C HIS A 54 -1.38 -5.61 17.90
N GLN A 55 -2.56 -5.05 17.64
CA GLN A 55 -3.50 -4.66 18.69
C GLN A 55 -4.09 -5.83 19.48
N ASN A 56 -4.08 -7.02 18.87
CA ASN A 56 -4.83 -8.15 19.41
C ASN A 56 -4.04 -9.45 19.49
N PRO A 57 -4.46 -10.38 20.37
CA PRO A 57 -3.95 -11.75 20.30
C PRO A 57 -4.24 -12.35 18.93
N LEU A 58 -3.40 -13.27 18.49
CA LEU A 58 -3.55 -13.89 17.17
C LEU A 58 -4.88 -14.62 16.99
N THR A 59 -5.46 -15.12 18.08
CA THR A 59 -6.77 -15.78 17.98
C THR A 59 -7.94 -14.82 17.66
N HIS A 60 -7.70 -13.51 17.74
CA HIS A 60 -8.68 -12.49 17.30
C HIS A 60 -8.99 -12.63 15.80
N LEU A 61 -8.07 -13.24 15.04
CA LEU A 61 -8.29 -13.56 13.64
C LEU A 61 -9.51 -14.47 13.41
N ASP A 62 -9.95 -15.14 14.47
CA ASP A 62 -11.04 -16.09 14.35
C ASP A 62 -12.40 -15.47 14.74
N LYS A 63 -12.38 -14.22 15.21
CA LYS A 63 -13.60 -13.50 15.56
C LYS A 63 -14.44 -13.16 14.30
N LEU A 64 -15.67 -13.63 14.28
CA LEU A 64 -16.58 -13.39 13.15
C LEU A 64 -17.16 -11.97 13.21
N ILE A 65 -17.11 -11.27 12.07
CA ILE A 65 -17.68 -9.93 11.95
C ILE A 65 -18.87 -9.98 10.98
N THR A 66 -20.02 -9.50 11.44
CA THR A 66 -21.20 -9.43 10.57
C THR A 66 -21.38 -8.01 10.03
N TYR A 67 -21.98 -7.92 8.86
CA TYR A 67 -22.18 -6.63 8.18
C TYR A 67 -23.31 -6.81 7.20
N THR A 68 -23.88 -5.71 6.72
CA THR A 68 -25.02 -5.77 5.79
C THR A 68 -24.93 -4.83 4.57
N SER A 69 -26.08 -4.70 3.89
CA SER A 69 -26.21 -3.92 2.68
C SER A 69 -25.51 -2.58 2.70
N ASP A 70 -25.77 -1.78 3.75
CA ASP A 70 -25.25 -0.40 3.80
C ASP A 70 -23.75 -0.29 4.10
N ASP A 71 -23.10 -1.43 4.40
CA ASP A 71 -21.65 -1.48 4.58
C ASP A 71 -20.90 -1.68 3.27
N ILE A 72 -21.63 -2.03 2.20
CA ILE A 72 -21.00 -2.20 0.89
C ILE A 72 -21.14 -0.91 0.07
N ARG A 73 -20.10 -0.08 0.14
CA ARG A 73 -20.11 1.29 -0.40
C ARG A 73 -18.97 1.54 -1.40
N SER A 74 -18.16 0.52 -1.63
CA SER A 74 -16.94 0.66 -2.44
C SER A 74 -16.59 -0.70 -3.03
N ILE A 75 -15.58 -0.73 -3.91
CA ILE A 75 -15.16 -1.98 -4.56
C ILE A 75 -14.74 -2.97 -3.48
N SER A 76 -15.44 -4.10 -3.45
CA SER A 76 -15.32 -5.08 -2.37
C SER A 76 -15.54 -6.50 -2.91
N PRO A 77 -14.59 -7.02 -3.70
CA PRO A 77 -14.77 -8.28 -4.44
C PRO A 77 -15.06 -9.49 -3.55
N VAL A 78 -14.54 -9.46 -2.33
CA VAL A 78 -14.71 -10.58 -1.41
C VAL A 78 -15.90 -10.33 -0.49
N ALA A 79 -15.93 -9.18 0.17
CA ALA A 79 -16.98 -8.87 1.17
C ALA A 79 -18.41 -8.97 0.62
N GLN A 80 -18.60 -8.60 -0.65
CA GLN A 80 -19.91 -8.76 -1.28
C GLN A 80 -20.34 -10.23 -1.40
N GLN A 81 -19.37 -11.15 -1.53
CA GLN A 81 -19.63 -12.59 -1.61
C GLN A 81 -20.04 -13.24 -0.28
N HIS A 82 -19.76 -12.58 0.83
CA HIS A 82 -19.91 -13.20 2.15
C HIS A 82 -20.80 -12.42 3.11
N VAL A 83 -21.48 -11.40 2.60
CA VAL A 83 -22.35 -10.54 3.40
C VAL A 83 -23.43 -11.32 4.19
N GLN A 84 -23.82 -12.47 3.65
CA GLN A 84 -24.88 -13.30 4.25
C GLN A 84 -24.39 -14.16 5.41
N THR A 85 -23.08 -14.34 5.52
CA THR A 85 -22.50 -15.18 6.59
C THR A 85 -21.63 -14.38 7.57
N GLY A 86 -21.15 -13.22 7.12
CA GLY A 86 -20.11 -12.49 7.83
C GLY A 86 -18.73 -13.00 7.44
N MET A 87 -17.70 -12.32 7.94
CA MET A 87 -16.32 -12.70 7.68
C MET A 87 -15.53 -12.58 8.97
N THR A 88 -14.59 -13.50 9.18
CA THR A 88 -13.70 -13.41 10.36
C THR A 88 -12.71 -12.26 10.15
N ILE A 89 -12.12 -11.76 11.24
CA ILE A 89 -11.04 -10.79 11.15
C ILE A 89 -9.91 -11.26 10.21
N GLY A 90 -9.51 -12.53 10.32
CA GLY A 90 -8.51 -13.12 9.42
C GLY A 90 -8.90 -13.04 7.96
N GLN A 91 -10.15 -13.41 7.66
CA GLN A 91 -10.72 -13.30 6.30
C GLN A 91 -10.73 -11.85 5.79
N LEU A 92 -11.04 -10.92 6.68
CA LEU A 92 -11.06 -9.49 6.34
C LEU A 92 -9.67 -8.97 6.02
N CYS A 93 -8.68 -9.39 6.82
CA CYS A 93 -7.28 -9.04 6.54
C CYS A 93 -6.85 -9.59 5.18
N ASP A 94 -7.17 -10.86 4.94
CA ASP A 94 -6.92 -11.51 3.65
C ASP A 94 -7.49 -10.68 2.48
N ALA A 95 -8.78 -10.36 2.56
CA ALA A 95 -9.48 -9.58 1.53
C ALA A 95 -8.91 -8.17 1.33
N ALA A 96 -8.61 -7.49 2.43
CA ALA A 96 -8.10 -6.11 2.40
C ALA A 96 -6.77 -6.04 1.66
N ILE A 97 -5.88 -6.99 1.94
CA ILE A 97 -4.58 -7.02 1.28
C ILE A 97 -4.63 -7.63 -0.13
N ARG A 98 -5.16 -8.84 -0.25
CA ARG A 98 -5.03 -9.61 -1.49
C ARG A 98 -5.96 -9.16 -2.61
N TYR A 99 -7.10 -8.56 -2.24
CA TYR A 99 -8.11 -8.12 -3.21
C TYR A 99 -8.41 -6.63 -3.07
N SER A 100 -7.65 -5.98 -2.20
CA SER A 100 -7.84 -4.56 -1.90
C SER A 100 -9.31 -4.23 -1.66
N ASP A 101 -9.94 -5.07 -0.83
CA ASP A 101 -11.37 -4.99 -0.56
C ASP A 101 -11.66 -3.79 0.31
N GLY A 102 -12.58 -2.93 -0.16
CA GLY A 102 -12.90 -1.66 0.50
C GLY A 102 -13.69 -1.82 1.79
N THR A 103 -14.74 -2.63 1.73
CA THR A 103 -15.55 -2.99 2.90
C THR A 103 -14.70 -3.64 3.99
N ALA A 104 -13.86 -4.60 3.60
CA ALA A 104 -12.97 -5.27 4.55
C ALA A 104 -12.11 -4.26 5.33
N ALA A 105 -11.53 -3.33 4.58
CA ALA A 105 -10.74 -2.25 5.16
C ALA A 105 -11.55 -1.41 6.15
N ASN A 106 -12.77 -1.02 5.76
CA ASN A 106 -13.64 -0.26 6.67
C ASN A 106 -13.95 -1.01 7.97
N LEU A 107 -14.21 -2.30 7.84
CA LEU A 107 -14.52 -3.14 9.00
C LEU A 107 -13.31 -3.31 9.92
N LEU A 108 -12.12 -3.41 9.32
CA LEU A 108 -10.87 -3.46 10.09
C LEU A 108 -10.63 -2.14 10.82
N LEU A 109 -10.88 -1.03 10.13
CA LEU A 109 -10.83 0.27 10.76
C LEU A 109 -11.79 0.36 11.97
N ALA A 110 -13.03 -0.07 11.76
CA ALA A 110 -14.01 -0.13 12.85
C ALA A 110 -13.57 -1.04 14.01
N ASP A 111 -12.88 -2.14 13.67
CA ASP A 111 -12.31 -3.04 14.68
C ASP A 111 -11.22 -2.37 15.52
N LEU A 112 -10.37 -1.58 14.86
CA LEU A 112 -9.32 -0.84 15.54
C LEU A 112 -9.94 0.22 16.48
N GLY A 113 -11.03 0.82 16.01
CA GLY A 113 -11.95 1.61 16.86
C GLY A 113 -11.50 3.04 17.06
N GLY A 114 -12.29 3.77 17.84
CA GLY A 114 -11.95 5.14 18.19
C GLY A 114 -12.57 6.13 17.22
N PRO A 115 -12.27 7.45 17.39
CA PRO A 115 -12.79 8.54 16.55
C PRO A 115 -12.53 8.35 15.05
N GLY A 116 -13.39 8.95 14.23
CA GLY A 116 -13.29 8.87 12.78
C GLY A 116 -13.35 7.45 12.23
N GLY A 117 -14.11 6.59 12.93
CA GLY A 117 -14.32 5.20 12.52
C GLY A 117 -13.04 4.37 12.48
N GLY A 118 -12.04 4.77 13.25
CA GLY A 118 -10.77 4.06 13.28
C GLY A 118 -9.62 4.79 12.59
N THR A 119 -9.92 5.82 11.80
CA THR A 119 -8.87 6.56 11.08
C THR A 119 -7.86 7.21 12.02
N ALA A 120 -8.34 7.69 13.17
CA ALA A 120 -7.44 8.31 14.16
C ALA A 120 -6.48 7.29 14.80
N ALA A 121 -7.02 6.13 15.19
CA ALA A 121 -6.21 5.04 15.73
C ALA A 121 -5.23 4.51 14.67
N PHE A 122 -5.69 4.39 13.42
CA PHE A 122 -4.79 3.98 12.34
C PHE A 122 -3.60 4.94 12.18
N THR A 123 -3.90 6.24 12.17
CA THR A 123 -2.87 7.28 12.10
C THR A 123 -1.94 7.20 13.33
N GLY A 124 -2.53 6.97 14.50
CA GLY A 124 -1.75 6.76 15.72
C GLY A 124 -0.75 5.63 15.61
N TYR A 125 -1.16 4.55 14.93
CA TYR A 125 -0.27 3.42 14.68
C TYR A 125 0.95 3.83 13.87
N LEU A 126 0.72 4.58 12.79
CA LEU A 126 1.82 5.12 12.00
C LEU A 126 2.76 6.02 12.81
N ARG A 127 2.18 6.92 13.60
CA ARG A 127 2.97 7.78 14.50
C ARG A 127 3.88 6.92 15.38
N SER A 128 3.37 5.80 15.88
CA SER A 128 4.15 4.90 16.75
C SER A 128 5.36 4.30 16.03
N LEU A 129 5.30 4.26 14.71
CA LEU A 129 6.40 3.77 13.88
C LEU A 129 7.32 4.91 13.41
N GLY A 130 7.13 6.10 13.98
CA GLY A 130 7.97 7.27 13.66
C GLY A 130 7.56 8.02 12.40
N ASP A 131 6.37 7.71 11.87
CA ASP A 131 5.82 8.36 10.69
C ASP A 131 4.95 9.53 11.13
N THR A 132 5.51 10.75 11.03
CA THR A 132 4.81 11.96 11.43
C THR A 132 4.16 12.60 10.20
N VAL A 133 4.34 11.97 9.04
CA VAL A 133 3.96 12.55 7.75
C VAL A 133 2.58 12.08 7.27
N SER A 134 2.38 10.77 7.23
CA SER A 134 1.13 10.21 6.69
C SER A 134 -0.08 10.59 7.54
N ARG A 135 -1.25 10.54 6.91
CA ARG A 135 -2.50 10.75 7.62
C ARG A 135 -3.63 10.04 6.89
N LEU A 136 -4.46 9.34 7.66
CA LEU A 136 -5.72 8.84 7.14
C LEU A 136 -6.86 9.59 7.82
N ASP A 137 -7.76 10.15 7.02
CA ASP A 137 -8.80 11.08 7.49
C ASP A 137 -10.21 10.55 7.25
N ALA A 138 -10.38 9.77 6.18
CA ALA A 138 -11.70 9.23 5.80
C ALA A 138 -11.63 7.75 5.42
N GLU A 139 -12.81 7.12 5.33
CA GLU A 139 -12.93 5.73 4.89
C GLU A 139 -13.10 5.63 3.38
N ALA A 140 -13.13 4.40 2.87
CA ALA A 140 -13.63 4.12 1.52
C ALA A 140 -15.15 4.29 1.54
N PRO A 141 -15.74 4.90 0.48
CA PRO A 141 -15.13 5.41 -0.76
C PRO A 141 -14.33 6.70 -0.57
N ASP A 146 -10.92 13.02 -3.15
CA ASP A 146 -9.81 13.87 -2.72
C ASP A 146 -9.14 14.55 -3.92
N PRO A 147 -9.35 15.87 -4.07
CA PRO A 147 -8.76 16.58 -5.19
C PRO A 147 -7.22 16.56 -5.13
N PRO A 148 -6.54 16.60 -6.29
CA PRO A 148 -5.08 16.70 -6.32
C PRO A 148 -4.59 17.87 -5.48
N GLY A 149 -3.51 17.63 -4.73
CA GLY A 149 -2.94 18.65 -3.86
C GLY A 149 -3.46 18.59 -2.42
N ASP A 150 -4.72 18.18 -2.26
CA ASP A 150 -5.32 18.05 -0.93
C ASP A 150 -4.45 17.13 -0.07
N GLU A 151 -4.20 17.52 1.17
CA GLU A 151 -3.32 16.76 2.07
C GLU A 151 -4.04 15.62 2.80
N ARG A 152 -5.36 15.62 2.77
CA ARG A 152 -6.12 14.56 3.45
C ARG A 152 -5.82 13.21 2.80
N ASP A 153 -5.70 12.17 3.63
CA ASP A 153 -5.52 10.80 3.16
C ASP A 153 -4.27 10.62 2.29
N THR A 154 -3.18 11.32 2.65
CA THR A 154 -1.93 11.25 1.91
C THR A 154 -0.76 10.68 2.71
N THR A 155 0.22 10.15 1.98
CA THR A 155 1.52 9.78 2.52
C THR A 155 2.57 10.30 1.52
N THR A 156 3.84 10.03 1.77
CA THR A 156 4.89 10.32 0.80
C THR A 156 5.59 9.00 0.45
N PRO A 157 6.17 8.90 -0.76
CA PRO A 157 6.90 7.66 -1.04
C PRO A 157 7.91 7.35 0.08
N HIS A 158 8.61 8.37 0.56
CA HIS A 158 9.61 8.25 1.62
C HIS A 158 9.00 7.66 2.90
N ALA A 159 7.92 8.27 3.39
CA ALA A 159 7.28 7.85 4.65
C ALA A 159 6.73 6.42 4.60
N ILE A 160 6.00 6.09 3.54
CA ILE A 160 5.35 4.77 3.43
C ILE A 160 6.39 3.66 3.24
N ALA A 161 7.50 3.98 2.57
CA ALA A 161 8.59 3.03 2.42
C ALA A 161 9.20 2.67 3.77
N LEU A 162 9.40 3.69 4.61
CA LEU A 162 10.04 3.46 5.91
C LEU A 162 9.10 2.68 6.84
N VAL A 163 7.80 2.93 6.71
CA VAL A 163 6.79 2.15 7.44
C VAL A 163 6.80 0.69 7.00
N LEU A 164 6.77 0.45 5.69
CA LEU A 164 6.78 -0.92 5.17
C LEU A 164 8.06 -1.66 5.55
N GLN A 165 9.18 -0.94 5.49
CA GLN A 165 10.47 -1.48 5.91
C GLN A 165 10.39 -2.01 7.35
N GLN A 166 9.84 -1.22 8.26
CA GLN A 166 9.72 -1.66 9.66
C GLN A 166 8.81 -2.86 9.82
N LEU A 167 7.70 -2.86 9.08
CA LEU A 167 6.69 -3.91 9.20
C LEU A 167 7.18 -5.27 8.69
N VAL A 168 7.87 -5.25 7.54
CA VAL A 168 8.31 -6.47 6.89
C VAL A 168 9.76 -6.87 7.24
N LEU A 169 10.66 -5.90 7.25
CA LEU A 169 12.08 -6.19 7.46
C LEU A 169 12.57 -5.88 8.88
N GLY A 170 11.91 -4.95 9.56
CA GLY A 170 12.27 -4.62 10.95
C GLY A 170 11.47 -5.38 11.98
N ASN A 171 11.35 -4.79 13.17
CA ASN A 171 10.73 -5.45 14.33
C ASN A 171 9.48 -4.77 14.85
N ALA A 172 8.75 -4.07 13.99
CA ALA A 172 7.49 -3.44 14.38
C ALA A 172 6.52 -4.52 14.87
N LEU A 173 6.58 -5.70 14.26
CA LEU A 173 5.72 -6.82 14.62
C LEU A 173 6.56 -8.01 15.07
N PRO A 174 6.02 -8.81 16.02
CA PRO A 174 6.70 -10.07 16.36
C PRO A 174 6.66 -11.01 15.16
N PRO A 175 7.62 -11.96 15.07
CA PRO A 175 7.75 -12.77 13.86
C PRO A 175 6.47 -13.46 13.39
N ASP A 176 5.66 -13.95 14.32
CA ASP A 176 4.44 -14.68 13.94
C ASP A 176 3.42 -13.79 13.24
N LYS A 177 3.24 -12.57 13.76
CA LYS A 177 2.35 -11.58 13.15
C LYS A 177 2.95 -11.03 11.87
N ARG A 178 4.26 -10.79 11.90
CA ARG A 178 5.02 -10.37 10.73
C ARG A 178 4.83 -11.32 9.54
N ALA A 179 4.87 -12.63 9.81
CA ALA A 179 4.70 -13.63 8.74
C ALA A 179 3.30 -13.64 8.16
N LEU A 180 2.28 -13.37 8.97
CA LEU A 180 0.91 -13.28 8.47
C LEU A 180 0.77 -12.15 7.46
N LEU A 181 1.31 -10.99 7.83
CA LEU A 181 1.30 -9.81 6.96
C LEU A 181 2.09 -10.05 5.66
N THR A 182 3.32 -10.59 5.81
CA THR A 182 4.21 -10.89 4.68
C THR A 182 3.59 -11.90 3.72
N ASP A 183 3.02 -12.99 4.24
CA ASP A 183 2.29 -13.99 3.43
C ASP A 183 1.13 -13.40 2.60
N TRP A 184 0.30 -12.58 3.24
CA TRP A 184 -0.83 -11.95 2.53
C TRP A 184 -0.35 -11.06 1.37
N MET A 185 0.70 -10.26 1.63
CA MET A 185 1.28 -9.43 0.59
C MET A 185 1.94 -10.27 -0.51
N ALA A 186 2.53 -11.41 -0.13
CA ALA A 186 3.13 -12.36 -1.09
C ALA A 186 2.09 -12.92 -2.05
N ARG A 187 0.88 -13.14 -1.54
CA ARG A 187 -0.19 -13.77 -2.29
C ARG A 187 -1.16 -12.75 -2.88
N ASN A 188 -0.74 -11.48 -2.92
CA ASN A 188 -1.59 -10.42 -3.50
C ASN A 188 -1.97 -10.74 -4.94
N THR A 189 -3.21 -10.44 -5.30
CA THR A 189 -3.72 -10.72 -6.65
C THR A 189 -3.81 -9.46 -7.54
N THR A 190 -3.51 -8.29 -6.99
CA THR A 190 -3.76 -7.05 -7.74
C THR A 190 -2.52 -6.37 -8.36
N GLY A 191 -1.34 -6.93 -8.11
CA GLY A 191 -0.08 -6.23 -8.41
C GLY A 191 0.80 -6.71 -9.57
N ALA A 192 0.27 -7.63 -10.38
CA ALA A 192 1.06 -8.27 -11.46
C ALA A 192 1.64 -7.30 -12.49
N LYS A 193 0.94 -6.19 -12.72
CA LYS A 193 1.32 -5.24 -13.77
C LYS A 193 2.03 -3.99 -13.24
N ARG A 194 2.43 -4.02 -11.98
CA ARG A 194 3.08 -2.86 -11.42
C ARG A 194 4.55 -3.16 -11.07
N ILE A 195 4.92 -3.09 -9.78
CA ILE A 195 6.32 -3.32 -9.40
C ILE A 195 6.81 -4.70 -9.83
N ARG A 196 5.95 -5.70 -9.68
CA ARG A 196 6.21 -7.06 -10.13
C ARG A 196 6.66 -7.16 -11.59
N ALA A 197 6.07 -6.33 -12.46
CA ALA A 197 6.35 -6.37 -13.90
C ALA A 197 7.75 -5.84 -14.23
N GLY A 198 8.28 -4.99 -13.35
CA GLY A 198 9.57 -4.34 -13.56
C GLY A 198 10.78 -5.11 -13.04
N PHE A 199 10.55 -6.14 -12.24
CA PHE A 199 11.64 -6.97 -11.69
C PHE A 199 11.66 -8.36 -12.31
N PRO A 200 12.87 -8.89 -12.60
CA PRO A 200 12.95 -10.21 -13.23
C PRO A 200 12.29 -11.26 -12.36
N ALA A 201 11.85 -12.35 -13.00
CA ALA A 201 11.13 -13.45 -12.34
C ALA A 201 11.86 -14.11 -11.15
N ASP A 202 13.18 -14.05 -11.14
CA ASP A 202 13.94 -14.67 -10.05
C ASP A 202 14.11 -13.77 -8.82
N TRP A 203 13.51 -12.57 -8.88
CA TRP A 203 13.35 -11.71 -7.70
C TRP A 203 11.99 -11.99 -7.08
N LYS A 204 11.95 -12.18 -5.77
CA LYS A 204 10.70 -12.28 -5.04
C LYS A 204 10.09 -10.88 -4.88
N VAL A 205 8.79 -10.76 -5.09
CA VAL A 205 8.09 -9.48 -4.88
C VAL A 205 6.85 -9.70 -4.02
N ILE A 206 6.72 -8.90 -2.94
CA ILE A 206 5.46 -8.82 -2.20
C ILE A 206 4.97 -7.37 -2.26
N ASP A 207 3.65 -7.15 -2.34
CA ASP A 207 3.20 -5.76 -2.54
C ASP A 207 1.77 -5.47 -2.10
N LYS A 208 1.46 -4.18 -1.95
CA LYS A 208 0.08 -3.71 -1.81
C LYS A 208 -0.11 -2.53 -2.77
N THR A 209 -1.14 -2.66 -3.61
CA THR A 209 -1.47 -1.65 -4.61
C THR A 209 -2.44 -0.59 -4.08
N GLY A 210 -2.57 0.50 -4.83
CA GLY A 210 -3.57 1.52 -4.56
C GLY A 210 -3.95 2.11 -5.90
N THR A 211 -5.24 2.35 -6.09
CA THR A 211 -5.77 2.94 -7.31
C THR A 211 -6.91 3.90 -6.96
N GLY A 212 -6.97 5.01 -7.67
CA GLY A 212 -7.99 6.03 -7.40
C GLY A 212 -8.36 6.85 -8.61
N ASP A 213 -9.15 7.89 -8.35
CA ASP A 213 -9.53 8.88 -9.34
C ASP A 213 -8.34 9.77 -9.66
N TYR A 214 -8.49 10.66 -10.65
CA TYR A 214 -7.38 11.53 -11.09
C TYR A 214 -6.13 10.74 -11.48
N GLY A 215 -6.34 9.55 -12.06
CA GLY A 215 -5.23 8.73 -12.57
C GLY A 215 -4.28 8.22 -11.50
N ARG A 216 -4.76 8.09 -10.26
CA ARG A 216 -3.93 7.63 -9.16
C ARG A 216 -3.64 6.13 -9.25
N ALA A 217 -2.35 5.78 -9.30
CA ALA A 217 -1.88 4.40 -9.27
C ALA A 217 -0.64 4.31 -8.37
N ASN A 218 -0.74 3.53 -7.30
CA ASN A 218 0.38 3.30 -6.37
C ASN A 218 0.73 1.82 -6.29
N ASP A 219 1.93 1.55 -5.78
CA ASP A 219 2.34 0.20 -5.40
C ASP A 219 3.49 0.33 -4.42
N ILE A 220 3.38 -0.40 -3.31
CA ILE A 220 4.45 -0.45 -2.33
C ILE A 220 4.86 -1.90 -2.16
N ALA A 221 6.16 -2.16 -2.23
CA ALA A 221 6.63 -3.53 -2.26
C ALA A 221 7.87 -3.70 -1.42
N VAL A 222 8.11 -4.95 -1.02
CA VAL A 222 9.44 -5.36 -0.62
C VAL A 222 9.85 -6.40 -1.65
N VAL A 223 11.09 -6.27 -2.15
CA VAL A 223 11.57 -7.20 -3.15
C VAL A 223 12.81 -7.90 -2.60
N TRP A 224 13.08 -9.12 -3.08
CA TRP A 224 14.30 -9.82 -2.69
C TRP A 224 15.05 -10.26 -3.93
N SER A 225 16.35 -9.98 -3.97
CA SER A 225 17.21 -10.40 -5.06
C SER A 225 17.31 -11.93 -5.11
N PRO A 226 17.84 -12.49 -6.21
CA PRO A 226 18.06 -13.94 -6.30
C PRO A 226 18.92 -14.48 -5.15
N THR A 227 19.68 -13.62 -4.48
CA THR A 227 20.50 -14.06 -3.36
C THR A 227 19.95 -13.64 -2.00
N GLY A 228 18.68 -13.21 -1.97
CA GLY A 228 18.02 -12.87 -0.72
C GLY A 228 18.36 -11.51 -0.11
N VAL A 229 18.79 -10.56 -0.94
CA VAL A 229 19.03 -9.19 -0.46
C VAL A 229 17.75 -8.36 -0.63
N PRO A 230 17.15 -7.88 0.48
CA PRO A 230 15.86 -7.18 0.37
C PRO A 230 15.99 -5.68 0.08
N TYR A 231 14.98 -5.14 -0.61
CA TYR A 231 14.89 -3.70 -0.88
C TYR A 231 13.43 -3.30 -0.75
N VAL A 232 13.18 -2.10 -0.25
CA VAL A 232 11.80 -1.61 -0.17
C VAL A 232 11.58 -0.65 -1.33
N VAL A 233 10.49 -0.88 -2.08
CA VAL A 233 10.20 -0.06 -3.26
C VAL A 233 8.82 0.58 -3.14
N ALA A 234 8.79 1.92 -3.05
CA ALA A 234 7.53 2.68 -3.03
C ALA A 234 7.42 3.54 -4.28
N VAL A 235 6.34 3.32 -5.03
CA VAL A 235 6.09 4.07 -6.25
C VAL A 235 4.66 4.59 -6.21
N MET A 236 4.50 5.91 -6.35
CA MET A 236 3.19 6.54 -6.32
C MET A 236 3.03 7.46 -7.53
N SER A 237 1.80 7.61 -8.00
CA SER A 237 1.56 8.48 -9.15
C SER A 237 0.15 9.04 -9.22
N ASP A 238 0.01 10.21 -9.82
CA ASP A 238 -1.31 10.71 -10.21
C ASP A 238 -1.21 11.41 -11.55
N ARG A 239 -2.36 11.75 -12.13
CA ARG A 239 -2.43 12.38 -13.44
C ARG A 239 -3.46 13.51 -13.41
N ALA A 240 -3.25 14.46 -12.50
CA ALA A 240 -4.17 15.59 -12.31
C ALA A 240 -4.55 16.30 -13.61
N GLY A 241 -3.64 16.28 -14.59
CA GLY A 241 -3.85 16.94 -15.87
C GLY A 241 -5.02 16.41 -16.69
N GLY A 242 -5.48 15.20 -16.38
CA GLY A 242 -6.65 14.61 -17.03
C GLY A 242 -7.96 14.76 -16.26
N GLY A 243 -7.90 15.39 -15.09
CA GLY A 243 -9.09 15.59 -14.27
C GLY A 243 -9.46 14.32 -13.51
N TYR A 244 -10.64 14.36 -12.90
CA TYR A 244 -11.18 13.25 -12.09
C TYR A 244 -11.18 11.91 -12.83
N ASP A 245 -11.48 11.95 -14.12
CA ASP A 245 -11.65 10.71 -14.89
C ASP A 245 -10.38 10.22 -15.59
N ALA A 246 -9.25 10.89 -15.35
CA ALA A 246 -7.96 10.43 -15.85
C ALA A 246 -7.75 8.95 -15.48
N GLU A 247 -7.38 8.13 -16.46
CA GLU A 247 -7.15 6.70 -16.22
C GLU A 247 -5.86 6.48 -15.44
N PRO A 248 -5.89 5.65 -14.38
CA PRO A 248 -4.62 5.26 -13.75
C PRO A 248 -3.82 4.44 -14.75
N ARG A 249 -2.50 4.57 -14.71
CA ARG A 249 -1.64 3.91 -15.70
C ARG A 249 -0.60 2.98 -15.07
N GLU A 250 -0.95 1.70 -15.01
CA GLU A 250 -0.10 0.68 -14.39
C GLU A 250 1.27 0.62 -15.04
N ALA A 251 1.30 0.80 -16.37
CA ALA A 251 2.53 0.76 -17.15
C ALA A 251 3.56 1.80 -16.68
N LEU A 252 3.09 2.95 -16.22
CA LEU A 252 3.99 3.95 -15.60
C LEU A 252 4.76 3.34 -14.42
N LEU A 253 4.06 2.57 -13.60
CA LEU A 253 4.67 1.97 -12.40
C LEU A 253 5.59 0.81 -12.82
N ALA A 254 5.16 0.04 -13.81
CA ALA A 254 6.00 -1.04 -14.35
C ALA A 254 7.32 -0.49 -14.89
N GLU A 255 7.24 0.59 -15.67
CA GLU A 255 8.44 1.22 -16.22
C GLU A 255 9.33 1.79 -15.11
N ALA A 256 8.73 2.50 -14.15
CA ALA A 256 9.51 3.07 -13.03
C ALA A 256 10.24 1.95 -12.27
N ALA A 257 9.54 0.84 -12.01
CA ALA A 257 10.11 -0.32 -11.34
C ALA A 257 11.26 -0.92 -12.16
N THR A 258 11.11 -0.96 -13.48
CA THR A 258 12.14 -1.49 -14.37
C THR A 258 13.41 -0.65 -14.27
N CYS A 259 13.26 0.67 -14.21
CA CYS A 259 14.38 1.58 -14.03
C CYS A 259 15.09 1.35 -12.70
N VAL A 260 14.31 1.21 -11.63
CA VAL A 260 14.84 0.86 -10.30
C VAL A 260 15.58 -0.48 -10.31
N ALA A 261 14.96 -1.51 -10.88
CA ALA A 261 15.55 -2.86 -10.97
C ALA A 261 16.89 -2.85 -11.70
N GLY A 262 16.99 -2.02 -12.74
CA GLY A 262 18.23 -1.86 -13.51
C GLY A 262 19.38 -1.32 -12.69
N VAL A 263 19.06 -0.50 -11.69
CA VAL A 263 20.05 0.07 -10.79
C VAL A 263 20.44 -0.92 -9.68
N LEU A 264 19.47 -1.75 -9.25
CA LEU A 264 19.66 -2.64 -8.12
C LEU A 264 20.25 -4.01 -8.49
N ALA A 265 20.17 -4.37 -9.77
CA ALA A 265 20.68 -5.66 -10.24
C ALA A 265 22.15 -5.59 -10.64
#